data_5LF2
#
_entry.id   5LF2
#
_cell.length_a   144.320
_cell.length_b   55.350
_cell.length_c   111.340
_cell.angle_alpha   90.00
_cell.angle_beta   119.38
_cell.angle_gamma   90.00
#
_symmetry.space_group_name_H-M   'C 1 2 1'
#
loop_
_entity.id
_entity.type
_entity.pdbx_description
1 polymer 'Laminin subunit beta-2'
2 non-polymer 'CALCIUM ION'
3 non-polymer 'CHLORIDE ION'
4 water water
#
_entity_poly.entity_id   1
_entity_poly.type   'polypeptide(L)'
_entity_poly.pdbx_seq_one_letter_code
;GALARPCDCDVGGALDPQCDEATGQCRCRPHMIGRRCEQVQPGYFRPFLDHLTWEAEGAHGQVLEVVERLVTNRETPSWT
GVGFVRLREGQEVEFLVTSLPRAMDYDLLLRWEPQVPEQWAELELVVQRPGPVSAHSPCGHVLPRDDRIQGMLHPNTRVL
VFPRPVCLEPGLSYKLKLKLTGTGGRAHPETPYSGSGILIDSLVLQPHVLMLEMFSGGDAAALERRTTFERYRCHEEGLM
PSKTPLSEACVPLLISASSLVYNGALPCQCDPQGSLSSECNPHGGQCRCKPGVVGRRCDACATGYYGFGPAGCQA
;
_entity_poly.pdbx_strand_id   A,B
#
# COMPACT_ATOMS: atom_id res chain seq x y z
N ARG A 5 -40.92 19.00 -23.40
CA ARG A 5 -40.75 20.40 -23.04
C ARG A 5 -39.39 20.71 -22.35
N PRO A 6 -39.01 19.92 -21.32
CA PRO A 6 -37.88 20.36 -20.47
C PRO A 6 -36.54 20.42 -21.19
N CYS A 7 -35.76 21.46 -20.91
CA CYS A 7 -34.47 21.70 -21.56
C CYS A 7 -33.49 20.55 -21.40
N ASP A 8 -33.08 20.31 -20.16
CA ASP A 8 -32.20 19.20 -19.85
C ASP A 8 -30.93 19.20 -20.74
N CYS A 9 -30.25 20.35 -20.85
CA CYS A 9 -28.93 20.39 -21.52
C CYS A 9 -27.93 19.40 -20.88
N ASP A 10 -26.90 19.03 -21.63
CA ASP A 10 -25.87 18.14 -21.10
C ASP A 10 -25.04 18.88 -20.07
N VAL A 11 -24.89 18.27 -18.90
CA VAL A 11 -24.22 18.88 -17.76
C VAL A 11 -22.77 19.23 -18.09
N GLY A 12 -22.22 18.50 -19.07
CA GLY A 12 -20.83 18.62 -19.47
C GLY A 12 -20.67 19.32 -20.80
N GLY A 13 -21.56 19.04 -21.75
CA GLY A 13 -21.41 19.54 -23.12
C GLY A 13 -21.92 20.95 -23.37
N ALA A 14 -22.81 21.45 -22.51
CA ALA A 14 -23.39 22.79 -22.65
C ALA A 14 -22.88 23.77 -21.57
N LEU A 15 -22.94 25.06 -21.87
CA LEU A 15 -22.54 26.11 -20.93
C LEU A 15 -23.64 26.49 -19.93
N ASP A 16 -24.88 26.62 -20.43
CA ASP A 16 -26.02 26.96 -19.57
C ASP A 16 -26.95 25.75 -19.39
N PRO A 17 -27.70 25.73 -18.28
CA PRO A 17 -28.53 24.56 -17.96
C PRO A 17 -29.85 24.51 -18.74
N GLN A 18 -30.22 25.64 -19.35
CA GLN A 18 -31.48 25.76 -20.08
C GLN A 18 -31.27 26.18 -21.55
N CYS A 19 -32.23 25.82 -22.40
CA CYS A 19 -32.14 26.08 -23.83
C CYS A 19 -32.66 27.46 -24.21
N ASP A 20 -32.31 27.91 -25.41
CA ASP A 20 -32.69 29.23 -25.90
C ASP A 20 -33.88 29.16 -26.87
N GLU A 21 -34.66 30.25 -26.91
CA GLU A 21 -35.73 30.42 -27.90
C GLU A 21 -36.82 29.35 -27.80
N ALA A 22 -37.41 29.01 -28.94
CA ALA A 22 -38.34 27.90 -29.04
C ALA A 22 -37.78 26.82 -29.97
N THR A 23 -36.45 26.77 -30.06
CA THR A 23 -35.74 25.75 -30.85
C THR A 23 -35.25 24.60 -29.98
N GLY A 24 -35.14 24.87 -28.68
CA GLY A 24 -34.68 23.86 -27.74
C GLY A 24 -33.19 23.63 -27.84
N GLN A 25 -32.50 24.52 -28.55
CA GLN A 25 -31.05 24.42 -28.70
C GLN A 25 -30.30 24.96 -27.48
N CYS A 26 -29.30 24.21 -27.02
CA CYS A 26 -28.45 24.65 -25.91
C CYS A 26 -27.20 25.33 -26.43
N ARG A 27 -26.48 26.05 -25.54
CA ARG A 27 -25.21 26.65 -25.97
C ARG A 27 -24.09 25.67 -25.73
N CYS A 28 -23.39 25.22 -26.77
CA CYS A 28 -22.43 24.11 -26.61
C CYS A 28 -20.99 24.55 -26.40
N ARG A 29 -20.25 23.75 -25.64
CA ARG A 29 -18.80 23.88 -25.61
C ARG A 29 -18.25 23.53 -26.99
N PRO A 30 -16.98 23.88 -27.25
CA PRO A 30 -16.38 23.64 -28.55
C PRO A 30 -16.50 22.18 -29.05
N HIS A 31 -17.09 22.05 -30.23
CA HIS A 31 -17.15 20.79 -31.00
C HIS A 31 -18.02 19.72 -30.35
N MET A 32 -18.97 20.16 -29.54
CA MET A 32 -20.05 19.33 -29.07
C MET A 32 -21.29 19.82 -29.83
N ILE A 33 -22.14 18.89 -30.25
CA ILE A 33 -23.31 19.24 -31.08
C ILE A 33 -24.54 18.48 -30.62
N GLY A 34 -25.64 18.62 -31.35
CA GLY A 34 -26.95 18.11 -30.91
C GLY A 34 -27.72 19.19 -30.18
N ARG A 35 -29.04 19.03 -30.07
CA ARG A 35 -29.87 20.04 -29.43
C ARG A 35 -29.49 20.24 -27.95
N ARG A 36 -29.05 19.15 -27.30
CA ARG A 36 -28.66 19.22 -25.90
C ARG A 36 -27.12 19.24 -25.70
N CYS A 37 -26.36 19.38 -26.80
CA CYS A 37 -24.90 19.37 -26.78
C CYS A 37 -24.35 18.04 -26.28
N GLU A 38 -25.01 16.96 -26.68
CA GLU A 38 -24.74 15.62 -26.14
C GLU A 38 -23.88 14.74 -27.04
N GLN A 39 -23.58 15.23 -28.25
CA GLN A 39 -22.88 14.47 -29.28
C GLN A 39 -21.55 15.12 -29.60
N VAL A 40 -20.56 14.28 -29.92
CA VAL A 40 -19.26 14.76 -30.42
C VAL A 40 -19.34 15.07 -31.92
N GLN A 41 -18.80 16.21 -32.34
CA GLN A 41 -18.76 16.58 -33.76
C GLN A 41 -17.87 15.67 -34.60
N PRO A 42 -18.36 15.17 -35.76
CA PRO A 42 -17.45 14.37 -36.61
C PRO A 42 -16.19 15.14 -36.93
N GLY A 43 -15.04 14.47 -36.83
CA GLY A 43 -13.74 15.11 -36.99
C GLY A 43 -13.06 15.44 -35.66
N TYR A 44 -13.75 15.18 -34.55
CA TYR A 44 -13.30 15.52 -33.21
C TYR A 44 -13.53 14.28 -32.33
N PHE A 45 -12.98 14.24 -31.12
CA PHE A 45 -13.19 13.07 -30.24
C PHE A 45 -13.21 13.44 -28.78
N ARG A 46 -13.85 12.59 -28.00
CA ARG A 46 -13.71 12.62 -26.55
C ARG A 46 -12.57 11.69 -26.14
N PRO A 47 -11.56 12.24 -25.44
CA PRO A 47 -10.42 11.37 -25.13
C PRO A 47 -10.74 10.28 -24.09
N PHE A 48 -10.04 9.12 -24.18
CA PHE A 48 -10.13 8.06 -23.17
C PHE A 48 -9.55 8.61 -21.86
N LEU A 49 -9.94 8.04 -20.74
CA LEU A 49 -9.36 8.42 -19.45
C LEU A 49 -7.85 8.20 -19.35
N ASP A 50 -7.25 7.41 -20.26
CA ASP A 50 -5.78 7.26 -20.31
C ASP A 50 -5.15 7.96 -21.53
N HIS A 51 -5.81 8.98 -22.05
CA HIS A 51 -5.29 9.74 -23.19
C HIS A 51 -3.91 10.33 -22.90
N LEU A 52 -3.73 10.77 -21.67
CA LEU A 52 -2.50 11.48 -21.30
C LEU A 52 -1.47 10.42 -20.84
N THR A 53 -0.79 9.82 -21.82
CA THR A 53 0.19 8.73 -21.62
C THR A 53 1.58 9.14 -22.13
N TRP A 54 2.63 9.03 -21.28
CA TRP A 54 4.02 9.27 -21.65
C TRP A 54 4.82 7.96 -21.64
N GLU A 55 5.42 7.63 -22.78
CA GLU A 55 6.15 6.36 -22.93
C GLU A 55 7.44 6.43 -22.14
N ALA A 56 7.76 5.36 -21.43
CA ALA A 56 9.03 5.27 -20.74
C ALA A 56 10.21 5.29 -21.73
N GLU A 57 9.99 4.68 -22.89
CA GLU A 57 11.05 4.57 -23.89
C GLU A 57 11.28 5.90 -24.65
N GLY A 58 10.41 6.89 -24.45
CA GLY A 58 10.61 8.23 -25.01
C GLY A 58 11.25 9.18 -24.00
N ALA A 59 11.62 8.64 -22.85
CA ALA A 59 12.03 9.48 -21.75
C ALA A 59 13.44 9.96 -21.96
N HIS A 60 13.75 11.11 -21.38
CA HIS A 60 15.08 11.66 -21.36
C HIS A 60 15.78 11.21 -20.09
N GLY A 61 17.00 11.67 -19.91
CA GLY A 61 17.77 11.32 -18.73
C GLY A 61 18.81 10.25 -19.01
N GLN A 62 19.26 9.57 -17.95
CA GLN A 62 20.27 8.53 -18.05
C GLN A 62 19.90 7.46 -19.08
N VAL A 63 20.90 6.98 -19.81
CA VAL A 63 20.70 5.99 -20.85
C VAL A 63 20.11 4.73 -20.25
N LEU A 64 18.99 4.28 -20.79
CA LEU A 64 18.35 3.05 -20.32
C LEU A 64 18.09 2.12 -21.49
N GLU A 65 18.05 0.84 -21.20
CA GLU A 65 17.89 -0.17 -22.21
C GLU A 65 16.44 -0.19 -22.67
N VAL A 66 16.20 -0.11 -23.98
CA VAL A 66 14.84 -0.21 -24.50
C VAL A 66 14.59 -1.66 -24.88
N VAL A 67 13.48 -2.21 -24.39
CA VAL A 67 13.10 -3.57 -24.70
C VAL A 67 11.91 -3.51 -25.66
N GLU A 68 12.16 -3.77 -26.94
CA GLU A 68 11.11 -3.74 -27.96
C GLU A 68 10.28 -5.00 -27.88
N ARG A 69 9.01 -4.87 -28.22
CA ARG A 69 8.15 -6.04 -28.36
C ARG A 69 7.32 -5.98 -29.65
N LEU A 70 7.18 -7.15 -30.30
CA LEU A 70 6.41 -7.27 -31.52
C LEU A 70 4.96 -7.65 -31.25
N VAL A 71 4.06 -7.03 -32.00
CA VAL A 71 2.66 -7.42 -31.98
C VAL A 71 2.47 -8.75 -32.72
N THR A 72 1.68 -9.64 -32.14
CA THR A 72 1.35 -10.92 -32.77
C THR A 72 -0.08 -10.88 -33.29
N ASN A 73 -0.44 -11.84 -34.14
CA ASN A 73 -1.78 -11.89 -34.71
C ASN A 73 -2.87 -11.89 -33.63
N ARG A 74 -2.47 -12.19 -32.39
CA ARG A 74 -3.35 -12.13 -31.24
C ARG A 74 -4.03 -10.77 -31.09
N GLU A 75 -3.39 -9.73 -31.63
CA GLU A 75 -3.87 -8.36 -31.46
C GLU A 75 -3.93 -8.02 -29.97
N THR A 76 -4.64 -6.94 -29.63
CA THR A 76 -4.75 -6.47 -28.23
C THR A 76 -3.41 -6.50 -27.48
N PRO A 77 -2.45 -5.65 -27.91
CA PRO A 77 -1.18 -5.56 -27.17
C PRO A 77 -1.46 -5.12 -25.75
N SER A 78 -0.60 -5.50 -24.79
CA SER A 78 -0.74 -5.10 -23.40
C SER A 78 0.16 -3.91 -23.05
N TRP A 79 0.82 -3.32 -24.05
CA TRP A 79 1.75 -2.19 -23.87
C TRP A 79 1.48 -1.15 -24.98
N THR A 80 2.05 0.06 -24.87
CA THR A 80 2.00 1.03 -25.95
C THR A 80 3.42 1.48 -26.35
N GLY A 81 3.52 2.12 -27.52
CA GLY A 81 4.83 2.44 -28.05
C GLY A 81 5.59 1.21 -28.51
N VAL A 82 6.91 1.34 -28.62
CA VAL A 82 7.72 0.23 -29.10
C VAL A 82 7.80 -0.90 -28.08
N GLY A 83 7.59 -0.58 -26.80
CA GLY A 83 7.61 -1.57 -25.73
C GLY A 83 7.89 -0.96 -24.36
N PHE A 84 9.07 -1.25 -23.83
CA PHE A 84 9.42 -0.96 -22.43
C PHE A 84 10.83 -0.44 -22.27
N VAL A 85 11.12 0.00 -21.05
CA VAL A 85 12.49 0.27 -20.62
C VAL A 85 12.81 -0.64 -19.43
N ARG A 86 14.04 -1.15 -19.39
CA ARG A 86 14.47 -1.96 -18.25
C ARG A 86 15.10 -1.03 -17.22
N LEU A 87 14.50 -0.95 -16.03
CA LEU A 87 14.98 -0.07 -14.98
C LEU A 87 15.56 -0.91 -13.84
N ARG A 88 16.79 -0.61 -13.41
CA ARG A 88 17.47 -1.35 -12.32
C ARG A 88 17.61 -0.46 -11.07
N GLU A 89 17.91 -1.08 -9.92
CA GLU A 89 18.01 -0.37 -8.65
C GLU A 89 18.93 0.83 -8.72
N GLY A 90 18.49 1.94 -8.13
CA GLY A 90 19.22 3.20 -8.17
C GLY A 90 19.07 4.05 -9.42
N GLN A 91 18.40 3.55 -10.45
CA GLN A 91 18.27 4.31 -11.69
C GLN A 91 16.96 5.08 -11.69
N GLU A 92 16.88 6.08 -12.57
CA GLU A 92 15.75 7.02 -12.60
C GLU A 92 15.28 7.27 -14.04
N VAL A 93 13.99 7.49 -14.22
CA VAL A 93 13.37 7.85 -15.52
C VAL A 93 12.72 9.24 -15.37
N GLU A 94 12.97 10.14 -16.31
CA GLU A 94 12.41 11.50 -16.30
C GLU A 94 11.32 11.62 -17.39
N PHE A 95 10.07 11.87 -16.99
CA PHE A 95 8.96 12.12 -17.92
C PHE A 95 8.73 13.64 -18.05
N LEU A 96 8.79 14.17 -19.28
CA LEU A 96 8.61 15.60 -19.53
C LEU A 96 7.16 15.83 -19.93
N VAL A 97 6.41 16.40 -19.00
CA VAL A 97 4.95 16.48 -19.10
C VAL A 97 4.55 17.92 -19.44
N THR A 98 3.79 18.13 -20.53
CA THR A 98 3.35 19.46 -20.91
C THR A 98 1.90 19.43 -21.38
N SER A 99 1.32 20.60 -21.61
CA SER A 99 0.00 20.72 -22.27
C SER A 99 -1.15 19.99 -21.59
N LEU A 100 -1.23 20.10 -20.27
CA LEU A 100 -2.33 19.46 -19.53
C LEU A 100 -3.63 20.25 -19.76
N PRO A 101 -4.77 19.57 -19.79
CA PRO A 101 -6.00 20.29 -20.14
C PRO A 101 -6.58 21.22 -19.06
N ARG A 102 -6.37 20.93 -17.79
CA ARG A 102 -7.12 21.59 -16.72
C ARG A 102 -6.39 21.56 -15.38
N ALA A 103 -6.56 22.61 -14.57
CA ALA A 103 -5.93 22.64 -13.24
C ALA A 103 -6.78 21.83 -12.29
N MET A 104 -6.32 20.62 -11.94
CA MET A 104 -7.06 19.68 -11.12
C MET A 104 -6.16 18.55 -10.63
N ASP A 105 -6.72 17.62 -9.86
CA ASP A 105 -5.98 16.41 -9.46
C ASP A 105 -5.93 15.39 -10.59
N TYR A 106 -4.76 14.79 -10.78
CA TYR A 106 -4.51 13.64 -11.65
C TYR A 106 -4.00 12.43 -10.83
N ASP A 107 -4.59 11.25 -11.06
CA ASP A 107 -4.06 10.03 -10.48
C ASP A 107 -2.93 9.54 -11.39
N LEU A 108 -1.84 9.06 -10.78
CA LEU A 108 -0.64 8.58 -11.49
C LEU A 108 -0.65 7.06 -11.61
N LEU A 109 -0.74 6.52 -12.84
CA LEU A 109 -0.71 5.09 -13.10
C LEU A 109 0.60 4.69 -13.77
N LEU A 110 1.36 3.79 -13.12
CA LEU A 110 2.60 3.29 -13.68
C LEU A 110 2.30 1.90 -14.24
N ARG A 111 2.45 1.74 -15.54
CA ARG A 111 2.27 0.44 -16.18
C ARG A 111 3.62 -0.29 -16.32
N TRP A 112 3.64 -1.58 -15.99
CA TRP A 112 4.90 -2.35 -15.85
C TRP A 112 4.70 -3.85 -16.11
N GLU A 113 5.81 -4.59 -16.19
CA GLU A 113 5.75 -6.03 -16.34
C GLU A 113 6.94 -6.69 -15.58
N PRO A 114 6.66 -7.70 -14.76
CA PRO A 114 7.78 -8.25 -13.96
C PRO A 114 8.73 -9.14 -14.76
N GLN A 115 9.92 -9.41 -14.21
CA GLN A 115 10.96 -10.21 -14.86
C GLN A 115 11.28 -11.51 -14.10
N VAL A 116 10.82 -11.62 -12.87
CA VAL A 116 11.00 -12.84 -12.06
C VAL A 116 9.69 -13.14 -11.36
N PRO A 117 9.49 -14.39 -10.93
CA PRO A 117 8.19 -14.60 -10.27
C PRO A 117 8.09 -13.96 -8.87
N GLU A 118 6.86 -13.72 -8.43
CA GLU A 118 6.60 -13.06 -7.16
C GLU A 118 7.36 -11.74 -6.99
N GLN A 119 7.60 -11.02 -8.07
CA GLN A 119 8.39 -9.79 -7.99
C GLN A 119 7.64 -8.61 -7.34
N TRP A 120 8.32 -7.90 -6.42
CA TRP A 120 7.87 -6.65 -5.81
C TRP A 120 8.88 -5.56 -6.14
N ALA A 121 8.47 -4.31 -5.96
CA ALA A 121 9.41 -3.19 -6.10
C ALA A 121 8.97 -1.94 -5.30
N GLU A 122 9.95 -1.19 -4.83
CA GLU A 122 9.77 0.10 -4.16
C GLU A 122 10.26 1.22 -5.05
N LEU A 123 9.44 2.25 -5.19
CA LEU A 123 9.64 3.36 -6.10
C LEU A 123 9.40 4.70 -5.40
N GLU A 124 10.01 5.77 -5.93
CA GLU A 124 9.75 7.13 -5.45
C GLU A 124 9.45 8.01 -6.66
N LEU A 125 8.34 8.74 -6.62
CA LEU A 125 8.00 9.70 -7.67
C LEU A 125 8.11 11.14 -7.15
N VAL A 126 8.86 11.99 -7.87
CA VAL A 126 9.03 13.40 -7.52
C VAL A 126 8.52 14.30 -8.66
N VAL A 127 7.65 15.24 -8.32
CA VAL A 127 7.14 16.26 -9.23
C VAL A 127 8.03 17.50 -9.14
N GLN A 128 8.61 17.92 -10.26
CA GLN A 128 9.39 19.14 -10.34
C GLN A 128 8.67 20.22 -11.16
N ARG A 129 8.34 21.33 -10.49
CA ARG A 129 7.54 22.42 -11.09
C ARG A 129 8.45 23.53 -11.66
N PRO A 130 7.93 24.28 -12.64
CA PRO A 130 8.70 25.42 -13.16
C PRO A 130 8.57 26.72 -12.35
N GLY A 131 7.95 26.65 -11.18
CA GLY A 131 7.81 27.82 -10.30
C GLY A 131 6.91 27.52 -9.12
N PRO A 132 6.77 28.46 -8.18
CA PRO A 132 5.92 28.23 -7.03
C PRO A 132 4.44 28.29 -7.46
N VAL A 133 3.59 27.48 -6.81
CA VAL A 133 2.16 27.55 -7.09
C VAL A 133 1.59 28.87 -6.56
N SER A 134 0.66 29.44 -7.31
CA SER A 134 0.05 30.71 -6.93
C SER A 134 -1.15 30.54 -5.99
N ALA A 135 -1.37 31.52 -5.11
CA ALA A 135 -2.50 31.52 -4.17
C ALA A 135 -3.86 31.54 -4.87
N HIS A 136 -3.92 32.12 -6.06
CA HIS A 136 -5.18 32.22 -6.79
C HIS A 136 -5.45 31.05 -7.72
N SER A 137 -4.57 30.06 -7.75
CA SER A 137 -4.80 28.90 -8.63
C SER A 137 -5.47 27.74 -7.88
N PRO A 138 -6.15 26.86 -8.62
CA PRO A 138 -6.71 25.65 -7.98
C PRO A 138 -5.65 24.72 -7.36
N CYS A 139 -4.36 24.92 -7.67
CA CYS A 139 -3.31 24.10 -7.07
C CYS A 139 -2.52 24.86 -5.98
N GLY A 140 -3.05 26.00 -5.53
CA GLY A 140 -2.37 26.87 -4.58
C GLY A 140 -2.14 26.31 -3.19
N HIS A 141 -2.85 25.23 -2.86
CA HIS A 141 -2.74 24.52 -1.60
C HIS A 141 -1.53 23.56 -1.54
N VAL A 142 -0.94 23.26 -2.68
CA VAL A 142 0.18 22.28 -2.76
C VAL A 142 1.43 22.70 -1.99
N LEU A 143 1.98 21.76 -1.23
CA LEU A 143 3.25 21.96 -0.52
C LEU A 143 4.25 20.84 -0.88
N PRO A 144 5.53 21.00 -0.47
CA PRO A 144 6.55 20.03 -0.89
C PRO A 144 6.21 18.56 -0.62
N ARG A 145 5.56 18.24 0.49
CA ARG A 145 5.22 16.86 0.81
C ARG A 145 4.25 16.26 -0.20
N ASP A 146 3.52 17.11 -0.92
CA ASP A 146 2.48 16.65 -1.86
C ASP A 146 3.12 16.23 -3.17
N ASP A 147 4.36 16.69 -3.37
CA ASP A 147 5.09 16.47 -4.63
C ASP A 147 6.19 15.38 -4.55
N ARG A 148 6.15 14.55 -3.50
CA ARG A 148 7.02 13.36 -3.44
C ARG A 148 6.15 12.24 -2.91
N ILE A 149 6.03 11.17 -3.69
CA ILE A 149 5.07 10.09 -3.37
C ILE A 149 5.78 8.74 -3.50
N GLN A 150 5.71 7.91 -2.45
CA GLN A 150 6.27 6.56 -2.48
C GLN A 150 5.21 5.60 -3.03
N GLY A 151 5.67 4.58 -3.76
CA GLY A 151 4.76 3.56 -4.28
C GLY A 151 5.37 2.16 -4.22
N MET A 152 4.52 1.14 -4.10
CA MET A 152 5.01 -0.25 -4.12
C MET A 152 4.31 -1.07 -5.21
N LEU A 153 5.12 -1.71 -6.05
CA LEU A 153 4.65 -2.62 -7.09
C LEU A 153 4.47 -3.99 -6.47
N HIS A 154 3.28 -4.58 -6.63
CA HIS A 154 2.98 -5.88 -6.06
C HIS A 154 2.89 -7.01 -7.07
N PRO A 155 3.17 -8.24 -6.61
CA PRO A 155 3.08 -9.41 -7.47
C PRO A 155 1.76 -9.52 -8.18
N ASN A 156 1.80 -10.10 -9.37
CA ASN A 156 0.59 -10.34 -10.16
C ASN A 156 -0.19 -9.07 -10.49
N THR A 157 0.49 -7.95 -10.76
CA THR A 157 -0.17 -6.77 -11.34
C THR A 157 0.60 -6.28 -12.57
N ARG A 158 -0.05 -5.45 -13.39
CA ARG A 158 0.63 -4.79 -14.49
C ARG A 158 0.44 -3.28 -14.46
N VAL A 159 -0.20 -2.78 -13.40
CA VAL A 159 -0.34 -1.33 -13.19
C VAL A 159 -0.43 -0.98 -11.69
N LEU A 160 0.22 0.11 -11.30
CA LEU A 160 0.10 0.66 -9.95
C LEU A 160 -0.55 2.05 -10.01
N VAL A 161 -1.60 2.26 -9.23
CA VAL A 161 -2.16 3.59 -9.05
C VAL A 161 -1.45 4.18 -7.78
N PHE A 162 -0.67 5.25 -7.92
CA PHE A 162 0.03 5.79 -6.72
C PHE A 162 -1.02 6.26 -5.69
N PRO A 163 -0.67 6.20 -4.39
CA PRO A 163 -1.66 6.32 -3.31
C PRO A 163 -2.20 7.73 -3.07
N ARG A 164 -1.59 8.73 -3.68
CA ARG A 164 -2.10 10.10 -3.62
C ARG A 164 -2.02 10.67 -5.03
N PRO A 165 -2.98 11.54 -5.44
CA PRO A 165 -2.94 12.19 -6.75
C PRO A 165 -2.02 13.41 -6.71
N VAL A 166 -1.70 13.99 -7.87
CA VAL A 166 -0.97 15.26 -7.95
C VAL A 166 -1.81 16.34 -8.63
N CYS A 167 -1.72 17.57 -8.13
CA CYS A 167 -2.43 18.70 -8.71
C CYS A 167 -1.51 19.45 -9.71
N LEU A 168 -1.94 19.46 -10.98
CA LEU A 168 -1.14 20.05 -12.07
C LEU A 168 -2.00 21.02 -12.87
N GLU A 169 -1.36 21.93 -13.60
CA GLU A 169 -1.99 23.06 -14.25
C GLU A 169 -1.67 23.12 -15.74
N PRO A 170 -2.56 23.76 -16.53
CA PRO A 170 -2.33 23.93 -17.97
C PRO A 170 -1.27 25.02 -18.24
N GLY A 171 -0.69 25.00 -19.44
CA GLY A 171 0.19 26.04 -19.92
C GLY A 171 1.59 25.96 -19.32
N LEU A 172 1.89 24.86 -18.64
CA LEU A 172 3.16 24.73 -17.89
C LEU A 172 3.89 23.44 -18.24
N SER A 173 5.21 23.43 -18.06
CA SER A 173 6.00 22.23 -18.29
C SER A 173 6.56 21.72 -16.97
N TYR A 174 6.37 20.42 -16.73
CA TYR A 174 6.82 19.72 -15.53
C TYR A 174 7.82 18.57 -15.86
N LYS A 175 8.62 18.15 -14.89
CA LYS A 175 9.46 16.95 -14.98
C LYS A 175 9.07 16.02 -13.83
N LEU A 176 8.60 14.81 -14.16
CA LEU A 176 8.18 13.83 -13.16
C LEU A 176 9.26 12.77 -13.16
N LYS A 177 10.01 12.69 -12.04
CA LYS A 177 11.13 11.74 -11.90
C LYS A 177 10.73 10.48 -11.16
N LEU A 178 10.95 9.31 -11.76
CA LEU A 178 10.65 8.01 -11.16
C LEU A 178 11.93 7.24 -10.82
N LYS A 179 12.18 6.99 -9.53
CA LYS A 179 13.40 6.29 -9.10
C LYS A 179 13.09 4.91 -8.50
N LEU A 180 13.84 3.88 -8.89
CA LEU A 180 13.63 2.52 -8.38
C LEU A 180 14.62 2.33 -7.25
N THR A 181 14.16 2.15 -6.01
CA THR A 181 15.09 2.06 -4.88
C THR A 181 15.34 0.61 -4.48
N GLY A 182 14.41 -0.29 -4.78
CA GLY A 182 14.60 -1.71 -4.47
C GLY A 182 13.67 -2.64 -5.24
N THR A 183 14.14 -3.82 -5.62
CA THR A 183 13.24 -4.84 -6.20
C THR A 183 13.77 -6.27 -5.99
N GLY A 184 12.87 -7.19 -5.66
CA GLY A 184 13.28 -8.59 -5.50
C GLY A 184 12.13 -9.54 -5.78
N GLY A 185 12.38 -10.83 -5.59
CA GLY A 185 11.37 -11.85 -5.80
C GLY A 185 11.36 -12.90 -4.69
N ARG A 186 11.44 -14.16 -5.06
CA ARG A 186 11.39 -15.26 -4.08
C ARG A 186 12.62 -15.30 -3.19
N SER A 196 18.08 -8.24 -12.95
CA SER A 196 17.60 -7.72 -14.23
C SER A 196 16.48 -6.66 -14.11
N GLY A 197 16.19 -6.18 -12.91
CA GLY A 197 15.30 -5.04 -12.74
C GLY A 197 13.82 -5.27 -13.06
N ILE A 198 13.14 -4.21 -13.49
CA ILE A 198 11.74 -4.30 -13.88
C ILE A 198 11.54 -3.67 -15.25
N LEU A 199 10.46 -4.03 -15.96
CA LEU A 199 10.15 -3.39 -17.22
C LEU A 199 9.08 -2.31 -16.97
N ILE A 200 9.34 -1.11 -17.46
CA ILE A 200 8.35 -0.02 -17.38
C ILE A 200 7.79 0.29 -18.79
N ASP A 201 6.47 0.29 -18.93
CA ASP A 201 5.82 0.62 -20.21
C ASP A 201 5.61 2.11 -20.40
N SER A 202 4.97 2.74 -19.42
CA SER A 202 4.55 4.13 -19.52
C SER A 202 4.04 4.66 -18.19
N LEU A 203 3.88 5.99 -18.14
CA LEU A 203 3.18 6.70 -17.06
C LEU A 203 1.92 7.41 -17.61
N VAL A 204 0.79 7.21 -16.94
CA VAL A 204 -0.50 7.75 -17.34
C VAL A 204 -0.95 8.77 -16.29
N LEU A 205 -1.38 9.96 -16.72
CA LEU A 205 -1.95 10.95 -15.83
C LEU A 205 -3.47 10.95 -16.08
N GLN A 206 -4.22 10.28 -15.20
CA GLN A 206 -5.68 10.18 -15.35
C GLN A 206 -6.43 11.29 -14.56
N PRO A 207 -7.15 12.18 -15.24
CA PRO A 207 -7.90 13.21 -14.50
C PRO A 207 -8.86 12.60 -13.46
N HIS A 208 -8.90 13.17 -12.26
CA HIS A 208 -9.72 12.61 -11.20
C HIS A 208 -11.12 13.21 -11.35
N VAL A 209 -11.85 12.73 -12.34
CA VAL A 209 -13.09 13.38 -12.72
C VAL A 209 -14.17 13.42 -11.63
N LEU A 210 -14.09 12.55 -10.63
CA LEU A 210 -15.07 12.54 -9.54
C LEU A 210 -15.05 13.84 -8.71
N MET A 211 -13.99 14.63 -8.80
CA MET A 211 -13.99 15.93 -8.11
C MET A 211 -14.79 17.01 -8.86
N LEU A 212 -15.12 16.78 -10.14
CA LEU A 212 -15.97 17.70 -10.87
C LEU A 212 -17.37 17.82 -10.23
N GLU A 213 -17.93 19.01 -10.24
CA GLU A 213 -19.22 19.26 -9.59
C GLU A 213 -20.37 18.39 -10.11
N MET A 214 -20.26 17.86 -11.34
CA MET A 214 -21.34 17.04 -11.88
C MET A 214 -21.42 15.76 -11.06
N PHE A 215 -20.34 15.44 -10.36
CA PHE A 215 -20.32 14.31 -9.46
C PHE A 215 -20.33 14.72 -7.97
N SER A 216 -19.52 15.74 -7.63
CA SER A 216 -19.21 16.03 -6.22
C SER A 216 -20.20 17.04 -5.60
N GLY A 217 -21.06 17.62 -6.41
CA GLY A 217 -22.07 18.55 -5.94
C GLY A 217 -23.07 17.92 -5.00
N GLY A 218 -23.90 18.74 -4.37
CA GLY A 218 -24.82 18.27 -3.34
C GLY A 218 -26.21 17.90 -3.83
N ASP A 219 -26.58 18.37 -5.01
CA ASP A 219 -27.91 18.11 -5.57
C ASP A 219 -28.16 16.60 -5.79
N ALA A 220 -29.44 16.25 -5.91
CA ALA A 220 -29.83 14.86 -6.15
C ALA A 220 -29.26 14.29 -7.47
N ALA A 221 -29.17 15.13 -8.49
CA ALA A 221 -28.69 14.70 -9.81
C ALA A 221 -27.21 14.34 -9.71
N ALA A 222 -26.44 15.13 -8.98
CA ALA A 222 -25.02 14.82 -8.76
C ALA A 222 -24.81 13.51 -7.99
N LEU A 223 -25.60 13.29 -6.95
CA LEU A 223 -25.42 12.09 -6.15
C LEU A 223 -25.71 10.84 -6.99
N GLU A 224 -26.69 10.92 -7.89
CA GLU A 224 -27.04 9.79 -8.75
C GLU A 224 -25.87 9.48 -9.72
N ARG A 225 -25.33 10.52 -10.36
CA ARG A 225 -24.18 10.31 -11.27
C ARG A 225 -23.03 9.66 -10.54
N ARG A 226 -22.76 10.14 -9.34
CA ARG A 226 -21.65 9.63 -8.53
C ARG A 226 -21.84 8.14 -8.21
N THR A 227 -23.08 7.78 -7.84
CA THR A 227 -23.42 6.42 -7.48
C THR A 227 -23.24 5.50 -8.69
N THR A 228 -23.69 5.96 -9.84
CA THR A 228 -23.67 5.17 -11.07
C THR A 228 -22.21 4.98 -11.51
N PHE A 229 -21.42 6.05 -11.47
CA PHE A 229 -19.99 5.99 -11.83
C PHE A 229 -19.24 4.97 -10.99
N GLU A 230 -19.50 4.96 -9.70
CA GLU A 230 -18.83 4.04 -8.78
C GLU A 230 -19.33 2.60 -8.89
N ARG A 231 -20.64 2.43 -9.06
CA ARG A 231 -21.24 1.09 -9.18
C ARG A 231 -20.67 0.33 -10.37
N TYR A 232 -20.61 0.99 -11.51
CA TYR A 232 -20.09 0.36 -12.72
C TYR A 232 -18.57 0.59 -12.93
N ARG A 233 -17.92 1.26 -12.00
CA ARG A 233 -16.45 1.39 -12.01
C ARG A 233 -15.94 1.90 -13.37
N CYS A 234 -16.55 3.01 -13.80
CA CYS A 234 -16.27 3.59 -15.11
C CYS A 234 -14.79 4.06 -15.23
N HIS A 235 -14.18 4.37 -14.10
CA HIS A 235 -12.80 4.83 -14.08
C HIS A 235 -11.82 3.76 -14.52
N GLU A 236 -12.27 2.52 -14.66
CA GLU A 236 -11.37 1.44 -15.08
C GLU A 236 -10.98 1.51 -16.56
N GLU A 237 -11.68 2.33 -17.33
CA GLU A 237 -11.29 2.61 -18.73
C GLU A 237 -9.81 3.03 -18.79
N GLY A 238 -9.36 3.70 -17.75
CA GLY A 238 -7.99 4.20 -17.74
C GLY A 238 -6.85 3.24 -17.40
N LEU A 239 -7.15 2.06 -16.86
CA LEU A 239 -6.09 1.23 -16.26
C LEU A 239 -5.07 0.63 -17.25
N MET A 240 -5.57 0.02 -18.32
CA MET A 240 -4.73 -0.71 -19.26
C MET A 240 -5.01 -0.31 -20.72
N PRO A 241 -4.04 -0.58 -21.64
CA PRO A 241 -4.20 -0.25 -23.06
C PRO A 241 -5.46 -0.90 -23.64
N SER A 242 -5.70 -2.17 -23.28
CA SER A 242 -6.91 -2.83 -23.74
C SER A 242 -8.12 -2.09 -23.24
N LYS A 243 -9.13 -2.03 -24.09
CA LYS A 243 -10.37 -1.38 -23.75
C LYS A 243 -11.43 -2.45 -23.92
N THR A 244 -11.91 -2.99 -22.81
CA THR A 244 -13.06 -3.89 -22.87
C THR A 244 -14.34 -3.05 -22.73
N PRO A 245 -15.42 -3.46 -23.41
CA PRO A 245 -16.64 -2.65 -23.41
C PRO A 245 -17.10 -2.31 -21.99
N LEU A 246 -17.57 -1.08 -21.79
CA LEU A 246 -18.09 -0.68 -20.48
C LEU A 246 -19.61 -0.77 -20.47
N SER A 247 -20.20 -0.82 -19.28
CA SER A 247 -21.63 -0.63 -19.11
C SER A 247 -22.09 0.59 -19.90
N GLU A 248 -23.26 0.49 -20.54
CA GLU A 248 -23.77 1.60 -21.35
C GLU A 248 -24.04 2.82 -20.46
N ALA A 249 -24.23 2.60 -19.16
CA ALA A 249 -24.49 3.69 -18.24
C ALA A 249 -23.27 4.62 -18.10
N CYS A 250 -22.08 4.09 -18.36
CA CYS A 250 -20.84 4.87 -18.23
C CYS A 250 -20.70 5.91 -19.34
N VAL A 251 -21.27 5.58 -20.49
CA VAL A 251 -21.02 6.32 -21.72
C VAL A 251 -21.39 7.81 -21.63
N PRO A 252 -22.65 8.16 -21.30
CA PRO A 252 -22.96 9.59 -21.25
C PRO A 252 -22.19 10.31 -20.11
N LEU A 253 -21.86 9.59 -19.06
CA LEU A 253 -21.10 10.18 -17.95
C LEU A 253 -19.67 10.54 -18.38
N LEU A 254 -19.04 9.68 -19.18
CA LEU A 254 -17.69 9.95 -19.67
C LEU A 254 -17.70 11.03 -20.74
N ILE A 255 -18.76 11.09 -21.55
CA ILE A 255 -18.87 12.16 -22.54
C ILE A 255 -18.95 13.52 -21.81
N SER A 256 -19.77 13.58 -20.76
CA SER A 256 -19.96 14.83 -20.04
C SER A 256 -18.68 15.22 -19.27
N ALA A 257 -18.08 14.26 -18.60
CA ALA A 257 -16.87 14.53 -17.79
C ALA A 257 -15.70 14.96 -18.69
N SER A 258 -15.57 14.30 -19.83
CA SER A 258 -14.52 14.66 -20.76
C SER A 258 -14.65 16.08 -21.32
N SER A 259 -15.87 16.45 -21.72
CA SER A 259 -16.15 17.80 -22.14
C SER A 259 -15.76 18.86 -21.10
N LEU A 260 -15.98 18.56 -19.83
CA LEU A 260 -15.62 19.50 -18.77
C LEU A 260 -14.08 19.57 -18.55
N VAL A 261 -13.38 18.47 -18.74
CA VAL A 261 -11.90 18.48 -18.61
C VAL A 261 -11.20 19.18 -19.79
N TYR A 262 -11.62 18.84 -21.02
CA TYR A 262 -10.96 19.30 -22.23
C TYR A 262 -11.57 20.57 -22.91
N ASN A 263 -12.64 21.12 -22.33
CA ASN A 263 -13.41 22.24 -22.91
C ASN A 263 -14.03 21.83 -24.24
N GLY A 264 -14.92 20.85 -24.18
CA GLY A 264 -15.54 20.27 -25.37
C GLY A 264 -14.73 19.05 -25.86
N ALA A 265 -14.66 18.84 -27.18
CA ALA A 265 -13.98 17.72 -27.80
C ALA A 265 -12.73 18.17 -28.56
N LEU A 266 -11.78 17.26 -28.74
CA LEU A 266 -10.50 17.59 -29.37
C LEU A 266 -10.47 17.26 -30.85
N PRO A 267 -9.73 18.05 -31.64
CA PRO A 267 -9.58 17.67 -33.05
C PRO A 267 -8.76 16.39 -33.24
N CYS A 268 -9.17 15.58 -34.20
CA CYS A 268 -8.59 14.27 -34.45
C CYS A 268 -7.08 14.35 -34.76
N GLN A 269 -6.69 15.31 -35.60
CA GLN A 269 -5.30 15.46 -36.03
C GLN A 269 -4.69 14.17 -36.62
N CYS A 270 -5.47 13.45 -37.45
CA CYS A 270 -4.96 12.25 -38.10
C CYS A 270 -3.79 12.64 -39.03
N ASP A 271 -2.70 11.87 -39.03
CA ASP A 271 -1.56 12.12 -39.93
C ASP A 271 -1.98 11.99 -41.41
N PRO A 272 -1.67 12.98 -42.27
CA PRO A 272 -2.13 12.98 -43.67
C PRO A 272 -1.64 11.78 -44.49
N GLN A 273 -0.43 11.29 -44.20
CA GLN A 273 0.16 10.18 -44.94
C GLN A 273 -0.20 8.82 -44.36
N GLY A 274 -0.22 8.72 -43.04
CA GLY A 274 -0.37 7.44 -42.37
C GLY A 274 -1.82 6.97 -42.18
N SER A 275 -2.78 7.89 -42.35
CA SER A 275 -4.20 7.60 -42.11
C SER A 275 -4.98 7.47 -43.42
N LEU A 276 -6.02 6.66 -43.40
CA LEU A 276 -6.98 6.59 -44.50
C LEU A 276 -7.98 7.77 -44.56
N SER A 277 -8.10 8.54 -43.48
CA SER A 277 -9.14 9.56 -43.37
C SER A 277 -8.82 10.61 -42.32
N SER A 278 -9.33 11.82 -42.50
CA SER A 278 -9.19 12.85 -41.48
C SER A 278 -10.14 12.61 -40.30
N GLU A 279 -11.08 11.69 -40.47
CA GLU A 279 -12.12 11.45 -39.45
C GLU A 279 -11.80 10.25 -38.55
N CYS A 280 -11.58 10.49 -37.25
CA CYS A 280 -11.22 9.43 -36.31
C CYS A 280 -12.41 8.93 -35.49
N ASN A 281 -12.18 7.91 -34.70
CA ASN A 281 -13.26 7.36 -33.84
C ASN A 281 -13.64 8.37 -32.73
N PRO A 282 -14.93 8.80 -32.66
CA PRO A 282 -15.27 9.86 -31.71
C PRO A 282 -15.18 9.44 -30.26
N HIS A 283 -15.17 8.15 -29.97
CA HIS A 283 -14.78 7.68 -28.65
C HIS A 283 -13.34 7.20 -28.63
N GLY A 284 -12.47 8.03 -28.05
CA GLY A 284 -11.06 7.69 -27.84
C GLY A 284 -10.12 8.28 -28.87
N GLY A 285 -10.63 8.55 -30.06
CA GLY A 285 -9.88 9.22 -31.11
C GLY A 285 -8.95 8.41 -32.01
N GLN A 286 -9.05 7.08 -32.06
CA GLN A 286 -8.17 6.30 -32.98
C GLN A 286 -8.45 6.60 -34.45
N CYS A 287 -7.39 6.99 -35.17
CA CYS A 287 -7.47 7.21 -36.62
C CYS A 287 -7.41 5.83 -37.36
N ARG A 288 -7.92 5.77 -38.59
CA ARG A 288 -7.89 4.52 -39.35
C ARG A 288 -6.57 4.41 -40.11
N CYS A 289 -5.71 3.46 -39.69
CA CYS A 289 -4.34 3.44 -40.23
C CYS A 289 -4.19 2.66 -41.52
N LYS A 290 -3.27 3.14 -42.36
CA LYS A 290 -2.79 2.38 -43.51
C LYS A 290 -2.00 1.15 -43.06
N PRO A 291 -1.75 0.19 -43.97
CA PRO A 291 -0.97 -0.99 -43.60
C PRO A 291 0.39 -0.65 -42.96
N GLY A 292 0.71 -1.30 -41.85
CA GLY A 292 2.01 -1.12 -41.23
C GLY A 292 2.14 0.08 -40.30
N VAL A 293 1.07 0.85 -40.14
CA VAL A 293 1.09 2.08 -39.34
C VAL A 293 0.33 1.93 -38.02
N VAL A 294 0.85 2.56 -36.95
CA VAL A 294 0.27 2.49 -35.62
C VAL A 294 0.27 3.87 -34.98
N GLY A 295 -0.23 3.97 -33.75
CA GLY A 295 -0.38 5.25 -33.03
C GLY A 295 -1.81 5.79 -33.19
N ARG A 296 -2.32 6.54 -32.21
CA ARG A 296 -3.70 7.11 -32.30
C ARG A 296 -3.81 7.95 -33.56
N ARG A 297 -2.73 8.65 -33.90
CA ARG A 297 -2.75 9.52 -35.07
C ARG A 297 -2.18 8.88 -36.33
N CYS A 298 -1.94 7.56 -36.30
CA CYS A 298 -1.35 6.83 -37.43
C CYS A 298 -0.05 7.53 -37.86
N ASP A 299 0.80 7.80 -36.88
CA ASP A 299 2.01 8.60 -37.11
C ASP A 299 3.29 7.86 -36.78
N ALA A 300 3.25 6.52 -36.79
CA ALA A 300 4.47 5.72 -36.66
C ALA A 300 4.36 4.38 -37.35
N CYS A 301 5.52 3.87 -37.80
CA CYS A 301 5.59 2.52 -38.28
C CYS A 301 5.40 1.54 -37.12
N ALA A 302 4.73 0.43 -37.40
CA ALA A 302 4.72 -0.67 -36.45
C ALA A 302 6.15 -1.15 -36.22
N THR A 303 6.42 -1.66 -35.04
CA THR A 303 7.76 -2.14 -34.71
C THR A 303 8.18 -3.24 -35.68
N GLY A 304 9.37 -3.11 -36.24
CA GLY A 304 9.85 -4.01 -37.28
C GLY A 304 9.46 -3.61 -38.69
N TYR A 305 8.68 -2.53 -38.84
CA TYR A 305 8.30 -2.01 -40.16
C TYR A 305 9.04 -0.69 -40.46
N TYR A 306 9.24 -0.40 -41.73
CA TYR A 306 9.91 0.82 -42.20
C TYR A 306 9.25 1.48 -43.40
N GLY A 307 9.63 2.74 -43.64
CA GLY A 307 9.33 3.41 -44.90
C GLY A 307 8.05 4.23 -44.87
N PHE A 308 7.81 4.91 -43.76
CA PHE A 308 6.61 5.73 -43.56
C PHE A 308 6.41 6.65 -44.73
N GLY A 309 5.20 6.66 -45.29
CA GLY A 309 4.93 7.41 -46.50
C GLY A 309 3.50 7.14 -46.92
N PRO A 310 3.16 7.48 -48.17
CA PRO A 310 1.80 7.38 -48.76
C PRO A 310 1.19 5.96 -48.77
N ALA A 311 2.04 4.94 -48.83
CA ALA A 311 1.57 3.56 -48.89
C ALA A 311 1.45 2.94 -47.50
N GLY A 312 2.07 3.57 -46.50
CA GLY A 312 2.15 2.99 -45.16
C GLY A 312 3.58 2.55 -44.89
N CYS A 313 3.74 1.50 -44.08
CA CYS A 313 5.06 0.92 -43.81
C CYS A 313 5.13 -0.57 -44.22
N GLN A 314 6.33 -1.01 -44.58
CA GLN A 314 6.59 -2.39 -44.96
C GLN A 314 7.65 -3.03 -44.06
N ALA A 315 7.57 -4.35 -43.89
CA ALA A 315 8.52 -5.06 -43.02
C ALA A 315 9.88 -5.23 -43.71
N PRO B 6 -2.56 -44.57 18.70
CA PRO B 6 -2.94 -43.25 18.17
C PRO B 6 -2.31 -42.12 19.00
N CYS B 7 -1.01 -41.86 18.79
CA CYS B 7 -0.24 -40.94 19.65
C CYS B 7 -0.85 -39.53 19.73
N ASP B 8 -0.96 -38.86 18.59
CA ASP B 8 -1.55 -37.52 18.51
C ASP B 8 -0.75 -36.51 19.34
N CYS B 9 0.57 -36.66 19.37
CA CYS B 9 1.44 -35.70 20.08
C CYS B 9 1.23 -34.29 19.53
N ASP B 10 1.26 -33.29 20.41
CA ASP B 10 1.12 -31.91 19.96
C ASP B 10 2.23 -31.54 18.97
N VAL B 11 1.85 -30.98 17.84
CA VAL B 11 2.80 -30.70 16.76
C VAL B 11 3.86 -29.67 17.16
N GLY B 12 3.55 -28.85 18.17
CA GLY B 12 4.47 -27.84 18.67
C GLY B 12 4.98 -28.14 20.08
N GLY B 13 4.14 -28.78 20.89
CA GLY B 13 4.48 -29.03 22.28
C GLY B 13 5.44 -30.21 22.51
N ALA B 14 5.43 -31.17 21.59
CA ALA B 14 6.29 -32.36 21.69
C ALA B 14 7.54 -32.26 20.82
N LEU B 15 8.63 -32.85 21.29
CA LEU B 15 9.87 -32.95 20.52
C LEU B 15 9.77 -33.95 19.38
N ASP B 16 8.95 -34.97 19.59
CA ASP B 16 8.94 -36.17 18.77
C ASP B 16 7.51 -36.58 18.43
N PRO B 17 7.23 -36.92 17.18
CA PRO B 17 5.91 -37.48 16.91
C PRO B 17 5.68 -38.85 17.55
N GLN B 18 6.74 -39.50 18.05
CA GLN B 18 6.67 -40.86 18.57
C GLN B 18 6.52 -40.94 20.10
N CYS B 19 5.47 -41.65 20.53
CA CYS B 19 5.09 -41.74 21.95
C CYS B 19 5.33 -43.12 22.54
N ASP B 20 5.34 -43.20 23.86
CA ASP B 20 5.41 -44.49 24.54
C ASP B 20 4.10 -45.26 24.38
N GLU B 21 4.18 -46.50 23.90
CA GLU B 21 2.99 -47.24 23.52
C GLU B 21 2.34 -48.04 24.65
N ALA B 22 2.88 -47.90 25.87
CA ALA B 22 2.22 -48.41 27.05
C ALA B 22 1.27 -47.34 27.59
N THR B 23 1.84 -46.16 27.86
CA THR B 23 1.15 -45.06 28.53
C THR B 23 0.59 -44.01 27.57
N GLY B 24 1.16 -43.92 26.37
CA GLY B 24 0.74 -42.94 25.39
C GLY B 24 1.46 -41.60 25.54
N GLN B 25 2.43 -41.53 26.45
CA GLN B 25 3.15 -40.29 26.78
C GLN B 25 4.15 -39.83 25.70
N CYS B 26 4.07 -38.56 25.35
CA CYS B 26 4.96 -37.96 24.35
C CYS B 26 6.15 -37.28 25.04
N ARG B 27 7.24 -37.00 24.28
CA ARG B 27 8.39 -36.30 24.88
C ARG B 27 8.27 -34.79 24.73
N CYS B 28 8.22 -34.07 25.85
CA CYS B 28 7.80 -32.66 25.81
C CYS B 28 8.95 -31.67 25.66
N ARG B 29 8.67 -30.57 24.95
CA ARG B 29 9.54 -29.39 24.99
C ARG B 29 9.45 -28.80 26.41
N PRO B 30 10.38 -27.90 26.78
CA PRO B 30 10.43 -27.40 28.16
C PRO B 30 9.14 -26.74 28.64
N HIS B 31 8.64 -27.19 29.80
CA HIS B 31 7.51 -26.60 30.51
C HIS B 31 6.20 -26.74 29.73
N MET B 32 6.12 -27.78 28.88
CA MET B 32 4.85 -28.27 28.32
C MET B 32 4.58 -29.59 28.99
N ILE B 33 3.31 -29.87 29.29
CA ILE B 33 2.94 -31.06 30.03
C ILE B 33 1.64 -31.67 29.48
N GLY B 34 1.16 -32.72 30.13
CA GLY B 34 0.00 -33.48 29.68
C GLY B 34 0.46 -34.63 28.81
N ARG B 35 -0.43 -35.60 28.55
CA ARG B 35 -0.05 -36.81 27.84
C ARG B 35 0.47 -36.52 26.43
N ARG B 36 -0.13 -35.54 25.76
CA ARG B 36 0.27 -35.20 24.39
C ARG B 36 1.09 -33.89 24.32
N CYS B 37 1.51 -33.41 25.49
CA CYS B 37 2.30 -32.17 25.61
C CYS B 37 1.52 -30.96 25.09
N GLU B 38 0.20 -30.96 25.36
CA GLU B 38 -0.73 -29.95 24.85
C GLU B 38 -1.01 -28.81 25.85
N GLN B 39 -0.49 -28.91 27.08
CA GLN B 39 -0.79 -27.95 28.15
C GLN B 39 0.47 -27.20 28.62
N VAL B 40 0.31 -25.91 28.96
CA VAL B 40 1.37 -25.08 29.58
C VAL B 40 1.51 -25.37 31.09
N GLN B 41 2.74 -25.60 31.55
CA GLN B 41 2.95 -25.85 32.98
C GLN B 41 2.61 -24.62 33.83
N PRO B 42 1.84 -24.81 34.92
CA PRO B 42 1.58 -23.66 35.79
C PRO B 42 2.89 -23.03 36.32
N GLY B 43 2.96 -21.70 36.34
CA GLY B 43 4.19 -20.97 36.66
C GLY B 43 4.93 -20.59 35.39
N TYR B 44 4.36 -20.97 34.24
CA TYR B 44 4.93 -20.66 32.92
C TYR B 44 3.83 -20.08 32.00
N PHE B 45 4.20 -19.55 30.84
CA PHE B 45 3.21 -19.04 29.89
C PHE B 45 3.62 -19.14 28.43
N ARG B 46 2.61 -19.19 27.55
CA ARG B 46 2.84 -19.02 26.11
C ARG B 46 2.70 -17.52 25.78
N PRO B 47 3.74 -16.92 25.20
CA PRO B 47 3.60 -15.48 24.96
C PRO B 47 2.54 -15.10 23.91
N PHE B 48 1.98 -13.89 24.02
CA PHE B 48 1.06 -13.32 23.00
C PHE B 48 1.85 -13.10 21.71
N LEU B 49 1.16 -13.09 20.57
CA LEU B 49 1.79 -12.68 19.30
C LEU B 49 2.51 -11.33 19.32
N ASP B 50 2.12 -10.43 20.24
CA ASP B 50 2.77 -9.12 20.38
C ASP B 50 3.67 -9.01 21.65
N HIS B 51 4.09 -10.16 22.20
CA HIS B 51 5.00 -10.18 23.35
C HIS B 51 6.24 -9.32 23.13
N LEU B 52 6.83 -9.45 21.96
CA LEU B 52 8.03 -8.67 21.63
C LEU B 52 7.72 -7.21 21.20
N THR B 53 7.61 -6.33 22.20
CA THR B 53 7.23 -4.93 22.02
C THR B 53 8.31 -3.97 22.58
N TRP B 54 8.69 -2.97 21.77
CA TRP B 54 9.64 -1.95 22.16
C TRP B 54 8.94 -0.59 22.20
N GLU B 55 8.92 0.05 23.38
CA GLU B 55 8.25 1.35 23.54
C GLU B 55 9.00 2.42 22.80
N ALA B 56 8.29 3.25 22.04
CA ALA B 56 8.92 4.38 21.40
C ALA B 56 9.50 5.38 22.43
N GLU B 57 8.84 5.51 23.59
CA GLU B 57 9.27 6.48 24.57
C GLU B 57 10.52 5.97 25.32
N GLY B 58 10.85 4.70 25.14
CA GLY B 58 12.08 4.15 25.69
C GLY B 58 13.25 4.22 24.72
N ALA B 59 13.03 4.85 23.57
CA ALA B 59 14.01 4.75 22.49
C ALA B 59 15.16 5.72 22.68
N HIS B 60 16.13 5.60 21.78
CA HIS B 60 17.33 6.40 21.85
C HIS B 60 17.52 7.13 20.54
N GLY B 61 18.61 7.86 20.46
CA GLY B 61 18.82 8.79 19.39
C GLY B 61 18.27 10.14 19.78
N GLN B 62 17.77 10.86 18.78
CA GLN B 62 17.27 12.21 18.95
C GLN B 62 16.30 12.29 20.14
N VAL B 63 16.48 13.28 21.00
CA VAL B 63 15.55 13.50 22.09
C VAL B 63 14.21 13.91 21.47
N LEU B 64 13.14 13.20 21.81
CA LEU B 64 11.81 13.50 21.28
C LEU B 64 10.83 13.77 22.42
N GLU B 65 9.77 14.53 22.12
CA GLU B 65 8.76 14.84 23.12
C GLU B 65 7.99 13.57 23.50
N VAL B 66 7.99 13.24 24.78
CA VAL B 66 7.11 12.18 25.30
C VAL B 66 5.73 12.74 25.67
N VAL B 67 4.69 12.09 25.16
CA VAL B 67 3.31 12.45 25.43
C VAL B 67 2.68 11.38 26.33
N GLU B 68 2.43 11.73 27.60
CA GLU B 68 1.88 10.80 28.57
C GLU B 68 0.39 10.67 28.35
N ARG B 69 -0.15 9.51 28.70
CA ARG B 69 -1.58 9.27 28.58
C ARG B 69 -2.02 8.51 29.84
N LEU B 70 -3.17 8.90 30.42
CA LEU B 70 -3.66 8.28 31.65
C LEU B 70 -4.81 7.31 31.38
N VAL B 71 -4.83 6.20 32.13
CA VAL B 71 -5.85 5.18 31.97
C VAL B 71 -7.12 5.66 32.67
N THR B 72 -8.28 5.19 32.21
CA THR B 72 -9.54 5.43 32.93
C THR B 72 -10.41 4.19 32.82
N ASN B 73 -11.45 4.14 33.64
CA ASN B 73 -12.35 3.00 33.66
C ASN B 73 -13.39 3.09 32.53
N ARG B 74 -13.37 4.19 31.79
CA ARG B 74 -14.35 4.45 30.74
C ARG B 74 -13.90 3.88 29.38
N GLU B 75 -12.70 3.31 29.35
CA GLU B 75 -12.19 2.70 28.13
C GLU B 75 -10.94 1.86 28.44
N THR B 76 -10.75 0.78 27.69
CA THR B 76 -9.56 -0.06 27.84
C THR B 76 -8.39 0.67 27.14
N PRO B 77 -7.19 0.63 27.76
CA PRO B 77 -6.09 1.41 27.17
C PRO B 77 -5.67 0.92 25.78
N SER B 78 -5.55 1.86 24.85
CA SER B 78 -5.12 1.56 23.49
C SER B 78 -3.62 1.73 23.23
N TRP B 79 -2.84 2.00 24.28
CA TRP B 79 -1.37 2.15 24.19
C TRP B 79 -0.67 1.30 25.27
N THR B 80 0.67 1.17 25.20
CA THR B 80 1.45 0.56 26.27
C THR B 80 2.57 1.53 26.74
N GLY B 81 3.18 1.24 27.88
CA GLY B 81 4.14 2.18 28.45
C GLY B 81 3.45 3.43 28.96
N VAL B 82 4.19 4.53 29.09
CA VAL B 82 3.62 5.74 29.60
C VAL B 82 2.78 6.47 28.56
N GLY B 83 2.95 6.13 27.28
CA GLY B 83 2.17 6.75 26.23
C GLY B 83 2.82 6.65 24.85
N PHE B 84 3.16 7.83 24.33
CA PHE B 84 3.64 8.03 22.96
C PHE B 84 4.86 8.94 22.87
N VAL B 85 5.54 8.89 21.71
CA VAL B 85 6.48 9.94 21.31
C VAL B 85 5.90 10.75 20.13
N ARG B 86 6.09 12.06 20.12
CA ARG B 86 5.70 12.87 18.95
C ARG B 86 6.86 12.89 17.97
N LEU B 87 6.62 12.43 16.73
CA LEU B 87 7.64 12.40 15.67
C LEU B 87 7.25 13.38 14.56
N ARG B 88 8.14 14.26 14.17
CA ARG B 88 7.87 15.18 13.05
C ARG B 88 8.73 14.84 11.82
N GLU B 89 8.41 15.46 10.68
CA GLU B 89 9.10 15.21 9.40
C GLU B 89 10.61 15.37 9.46
N GLY B 90 11.32 14.39 8.88
CA GLY B 90 12.78 14.39 8.90
C GLY B 90 13.39 13.79 10.16
N GLN B 91 12.58 13.51 11.17
CA GLN B 91 13.09 12.96 12.43
C GLN B 91 13.08 11.43 12.44
N GLU B 92 13.87 10.84 13.33
CA GLU B 92 14.08 9.39 13.33
C GLU B 92 14.13 8.85 14.76
N VAL B 93 13.57 7.67 14.97
CA VAL B 93 13.61 6.95 16.25
C VAL B 93 14.43 5.65 16.10
N GLU B 94 15.26 5.34 17.08
CA GLU B 94 16.14 4.14 17.06
C GLU B 94 15.71 3.11 18.10
N PHE B 95 15.22 1.96 17.64
CA PHE B 95 14.85 0.85 18.52
C PHE B 95 16.02 -0.16 18.67
N LEU B 96 16.45 -0.43 19.91
CA LEU B 96 17.50 -1.41 20.22
C LEU B 96 16.91 -2.78 20.54
N VAL B 97 16.97 -3.67 19.55
CA VAL B 97 16.35 -4.98 19.63
C VAL B 97 17.37 -6.07 20.01
N THR B 98 17.06 -6.89 21.01
CA THR B 98 17.94 -8.00 21.38
C THR B 98 17.12 -9.17 21.90
N SER B 99 17.80 -10.30 22.11
CA SER B 99 17.22 -11.46 22.78
C SER B 99 15.98 -12.06 22.07
N LEU B 100 15.96 -12.06 20.74
CA LEU B 100 14.89 -12.73 19.95
C LEU B 100 14.92 -14.26 20.15
N PRO B 101 13.75 -14.92 20.10
CA PRO B 101 13.68 -16.36 20.39
C PRO B 101 14.18 -17.28 19.27
N ARG B 102 14.04 -16.89 17.99
CA ARG B 102 14.23 -17.85 16.89
C ARG B 102 14.68 -17.16 15.60
N ALA B 103 15.53 -17.85 14.84
CA ALA B 103 15.96 -17.35 13.54
C ALA B 103 14.85 -17.58 12.52
N MET B 104 14.14 -16.52 12.17
CA MET B 104 12.96 -16.59 11.29
C MET B 104 12.49 -15.21 10.87
N ASP B 105 11.40 -15.15 10.09
CA ASP B 105 10.79 -13.89 9.70
C ASP B 105 9.88 -13.32 10.80
N TYR B 106 9.98 -12.02 11.04
CA TYR B 106 9.12 -11.23 11.92
C TYR B 106 8.38 -10.13 11.12
N ASP B 107 7.05 -10.06 11.27
CA ASP B 107 6.29 -8.93 10.77
C ASP B 107 6.53 -7.70 11.66
N LEU B 108 6.78 -6.54 11.06
CA LEU B 108 6.93 -5.27 11.80
C LEU B 108 5.59 -4.49 11.92
N LEU B 109 5.09 -4.33 13.15
CA LEU B 109 3.82 -3.61 13.43
C LEU B 109 4.15 -2.29 14.15
N LEU B 110 3.87 -1.17 13.49
CA LEU B 110 4.04 0.16 14.06
C LEU B 110 2.70 0.68 14.57
N ARG B 111 2.62 0.85 15.89
CA ARG B 111 1.39 1.34 16.51
C ARG B 111 1.44 2.85 16.66
N TRP B 112 0.37 3.53 16.23
CA TRP B 112 0.37 5.00 16.14
C TRP B 112 -1.02 5.62 16.38
N GLU B 113 -1.04 6.95 16.51
CA GLU B 113 -2.29 7.71 16.62
C GLU B 113 -2.20 9.06 15.83
N PRO B 114 -3.20 9.36 14.99
CA PRO B 114 -3.14 10.59 14.18
C PRO B 114 -3.41 11.86 15.01
N GLN B 115 -2.86 13.00 14.59
CA GLN B 115 -3.04 14.29 15.27
C GLN B 115 -3.98 15.25 14.52
N VAL B 116 -4.28 14.96 13.25
CA VAL B 116 -5.21 15.77 12.44
C VAL B 116 -6.12 14.82 11.68
N PRO B 117 -7.27 15.32 11.19
CA PRO B 117 -8.19 14.38 10.50
C PRO B 117 -7.69 13.96 9.10
N GLU B 118 -8.04 12.75 8.68
CA GLU B 118 -7.63 12.19 7.39
C GLU B 118 -6.10 12.13 7.22
N GLN B 119 -5.37 11.99 8.33
CA GLN B 119 -3.92 12.03 8.28
C GLN B 119 -3.30 10.78 7.65
N TRP B 120 -2.31 11.02 6.79
CA TRP B 120 -1.49 9.96 6.19
C TRP B 120 -0.04 10.25 6.54
N ALA B 121 0.81 9.25 6.42
CA ALA B 121 2.26 9.44 6.59
C ALA B 121 3.11 8.45 5.76
N GLU B 122 4.30 8.88 5.36
CA GLU B 122 5.28 8.00 4.70
C GLU B 122 6.50 7.81 5.59
N LEU B 123 6.89 6.55 5.75
CA LEU B 123 7.98 6.17 6.64
C LEU B 123 9.01 5.25 5.94
N GLU B 124 10.24 5.22 6.49
CA GLU B 124 11.28 4.27 6.06
C GLU B 124 11.84 3.55 7.29
N LEU B 125 11.87 2.21 7.26
CA LEU B 125 12.49 1.42 8.31
C LEU B 125 13.79 0.76 7.81
N VAL B 126 14.87 0.90 8.58
CA VAL B 126 16.19 0.31 8.23
C VAL B 126 16.66 -0.61 9.36
N VAL B 127 17.04 -1.85 8.98
CA VAL B 127 17.61 -2.82 9.89
C VAL B 127 19.15 -2.70 9.83
N GLN B 128 19.75 -2.45 10.97
CA GLN B 128 21.21 -2.45 11.09
C GLN B 128 21.68 -3.69 11.89
N ARG B 129 22.52 -4.53 11.27
CA ARG B 129 22.99 -5.79 11.86
C ARG B 129 24.39 -5.64 12.44
N PRO B 130 24.74 -6.48 13.42
CA PRO B 130 26.06 -6.39 14.05
C PRO B 130 27.14 -7.20 13.35
N GLY B 131 26.81 -7.76 12.18
CA GLY B 131 27.77 -8.48 11.34
C GLY B 131 27.07 -9.02 10.09
N PRO B 132 27.86 -9.55 9.11
CA PRO B 132 27.25 -10.10 7.89
C PRO B 132 26.52 -11.41 8.16
N VAL B 133 25.38 -11.66 7.50
CA VAL B 133 24.66 -12.91 7.75
C VAL B 133 25.47 -14.12 7.24
N SER B 134 25.46 -15.20 8.01
CA SER B 134 26.19 -16.42 7.64
C SER B 134 25.48 -17.29 6.59
N ALA B 135 26.23 -17.93 5.72
CA ALA B 135 25.64 -18.80 4.69
C ALA B 135 24.91 -20.03 5.27
N HIS B 136 25.27 -20.43 6.49
CA HIS B 136 24.61 -21.58 7.10
C HIS B 136 23.47 -21.17 8.03
N SER B 137 23.23 -19.88 8.14
CA SER B 137 22.16 -19.36 8.99
C SER B 137 20.81 -19.42 8.27
N PRO B 138 19.69 -19.54 9.01
CA PRO B 138 18.38 -19.38 8.35
C PRO B 138 18.14 -17.99 7.77
N CYS B 139 18.94 -16.99 8.14
CA CYS B 139 18.80 -15.67 7.52
C CYS B 139 19.89 -15.42 6.45
N GLY B 140 20.62 -16.45 6.03
CA GLY B 140 21.71 -16.34 5.06
C GLY B 140 21.37 -15.81 3.66
N HIS B 141 20.09 -15.84 3.31
CA HIS B 141 19.61 -15.34 2.02
C HIS B 141 19.45 -13.81 2.00
N VAL B 142 19.42 -13.17 3.18
CA VAL B 142 19.19 -11.71 3.30
C VAL B 142 20.22 -10.87 2.53
N LEU B 143 19.72 -9.90 1.76
CA LEU B 143 20.56 -8.93 1.05
C LEU B 143 20.10 -7.49 1.43
N PRO B 144 20.89 -6.46 1.08
CA PRO B 144 20.58 -5.11 1.60
C PRO B 144 19.17 -4.60 1.27
N ARG B 145 18.62 -4.97 0.10
CA ARG B 145 17.27 -4.56 -0.26
C ARG B 145 16.23 -5.08 0.73
N ASP B 146 16.55 -6.20 1.40
CA ASP B 146 15.62 -6.80 2.36
C ASP B 146 15.65 -6.05 3.71
N ASP B 147 16.67 -5.21 3.92
CA ASP B 147 16.83 -4.52 5.22
C ASP B 147 16.45 -3.04 5.17
N ARG B 148 15.75 -2.62 4.12
CA ARG B 148 15.18 -1.28 4.03
C ARG B 148 13.80 -1.41 3.44
N ILE B 149 12.82 -0.94 4.22
CA ILE B 149 11.42 -1.10 3.86
C ILE B 149 10.62 0.21 3.99
N GLN B 150 9.90 0.58 2.92
CA GLN B 150 8.99 1.73 2.92
C GLN B 150 7.63 1.32 3.48
N GLY B 151 6.95 2.23 4.19
CA GLY B 151 5.61 1.95 4.65
C GLY B 151 4.75 3.20 4.56
N MET B 152 3.43 3.06 4.46
CA MET B 152 2.52 4.21 4.48
C MET B 152 1.46 4.04 5.54
N LEU B 153 1.31 5.04 6.41
CA LEU B 153 0.25 5.03 7.42
C LEU B 153 -0.99 5.61 6.76
N HIS B 154 -2.12 4.89 6.86
CA HIS B 154 -3.38 5.33 6.26
C HIS B 154 -4.38 5.88 7.24
N PRO B 155 -5.26 6.79 6.77
CA PRO B 155 -6.28 7.39 7.63
C PRO B 155 -7.12 6.37 8.35
N ASN B 156 -7.54 6.72 9.56
CA ASN B 156 -8.44 5.87 10.34
C ASN B 156 -7.87 4.50 10.70
N THR B 157 -6.55 4.45 10.96
CA THR B 157 -5.92 3.22 11.45
C THR B 157 -5.08 3.58 12.70
N ARG B 158 -4.73 2.56 13.49
CA ARG B 158 -3.88 2.73 14.67
C ARG B 158 -2.67 1.76 14.64
N VAL B 159 -2.54 0.98 13.56
CA VAL B 159 -1.38 0.10 13.39
C VAL B 159 -1.11 -0.11 11.92
N LEU B 160 0.16 -0.06 11.54
CA LEU B 160 0.60 -0.49 10.22
C LEU B 160 1.42 -1.78 10.29
N VAL B 161 1.04 -2.79 9.50
CA VAL B 161 1.92 -3.93 9.25
C VAL B 161 2.78 -3.62 8.00
N PHE B 162 4.10 -3.50 8.16
CA PHE B 162 4.94 -3.21 7.00
C PHE B 162 4.77 -4.35 5.97
N PRO B 163 4.91 -4.01 4.68
CA PRO B 163 4.56 -4.93 3.57
C PRO B 163 5.52 -6.12 3.33
N ARG B 164 6.68 -6.12 3.95
CA ARG B 164 7.59 -7.25 3.93
C ARG B 164 8.09 -7.46 5.37
N PRO B 165 8.29 -8.73 5.78
CA PRO B 165 8.88 -9.05 7.08
C PRO B 165 10.42 -8.93 7.05
N VAL B 166 11.05 -9.01 8.22
CA VAL B 166 12.54 -9.04 8.30
C VAL B 166 12.99 -10.36 8.96
N CYS B 167 14.11 -10.92 8.51
CA CYS B 167 14.65 -12.14 9.08
C CYS B 167 15.72 -11.73 10.15
N LEU B 168 15.47 -12.10 11.41
CA LEU B 168 16.37 -11.79 12.56
C LEU B 168 16.72 -13.06 13.35
N GLU B 169 17.85 -13.03 14.09
CA GLU B 169 18.41 -14.20 14.75
C GLU B 169 18.59 -14.01 16.24
N PRO B 170 18.55 -15.10 17.02
CA PRO B 170 18.77 -14.98 18.47
C PRO B 170 20.24 -14.72 18.83
N GLY B 171 20.48 -14.24 20.06
CA GLY B 171 21.84 -14.05 20.57
C GLY B 171 22.55 -12.83 19.97
N LEU B 172 21.81 -11.97 19.29
CA LEU B 172 22.41 -10.84 18.58
C LEU B 172 21.69 -9.55 18.92
N SER B 173 22.39 -8.42 18.77
CA SER B 173 21.78 -7.10 19.01
C SER B 173 21.63 -6.32 17.70
N TYR B 174 20.43 -5.80 17.46
CA TYR B 174 20.09 -5.01 16.28
C TYR B 174 19.65 -3.58 16.62
N LYS B 175 19.80 -2.68 15.65
CA LYS B 175 19.20 -1.35 15.67
C LYS B 175 18.25 -1.15 14.49
N LEU B 176 16.98 -0.95 14.79
CA LEU B 176 15.95 -0.64 13.80
C LEU B 176 15.66 0.87 13.82
N LYS B 177 16.00 1.54 12.73
CA LYS B 177 15.84 3.00 12.60
C LYS B 177 14.56 3.34 11.82
N LEU B 178 13.68 4.14 12.42
CA LEU B 178 12.40 4.53 11.81
C LEU B 178 12.43 6.02 11.51
N LYS B 179 12.41 6.39 10.23
CA LYS B 179 12.40 7.80 9.80
C LYS B 179 11.05 8.23 9.17
N LEU B 180 10.57 9.40 9.59
CA LEU B 180 9.32 9.99 9.04
C LEU B 180 9.67 10.93 7.93
N THR B 181 9.29 10.64 6.67
CA THR B 181 9.72 11.52 5.58
C THR B 181 8.60 12.50 5.13
N GLY B 182 7.35 12.18 5.43
CA GLY B 182 6.24 13.06 5.06
C GLY B 182 4.96 12.74 5.81
N THR B 183 4.17 13.76 6.14
CA THR B 183 2.86 13.53 6.73
C THR B 183 1.95 14.75 6.48
N GLY B 184 0.70 14.48 6.18
CA GLY B 184 -0.26 15.56 5.99
C GLY B 184 -1.69 15.08 6.17
N GLY B 185 -2.66 15.92 5.81
CA GLY B 185 -4.05 15.61 6.07
C GLY B 185 -5.01 16.15 5.02
N ARG B 186 -5.98 16.96 5.46
CA ARG B 186 -6.97 17.56 4.55
C ARG B 186 -6.37 18.70 3.74
N GLY B 195 1.90 21.82 12.04
CA GLY B 195 2.85 20.72 11.91
C GLY B 195 3.09 20.01 13.24
N SER B 196 2.12 19.20 13.66
CA SER B 196 2.21 18.51 14.94
C SER B 196 2.70 17.05 14.78
N GLY B 197 3.12 16.68 13.58
CA GLY B 197 3.62 15.34 13.31
C GLY B 197 2.64 14.20 13.57
N ILE B 198 3.18 13.05 13.99
CA ILE B 198 2.38 11.89 14.39
C ILE B 198 2.81 11.43 15.78
N LEU B 199 1.95 10.68 16.45
CA LEU B 199 2.26 10.03 17.71
C LEU B 199 2.58 8.56 17.44
N ILE B 200 3.71 8.10 17.99
CA ILE B 200 4.12 6.69 17.90
C ILE B 200 4.08 6.07 19.29
N ASP B 201 3.40 4.94 19.37
CA ASP B 201 3.27 4.21 20.64
C ASP B 201 4.44 3.22 20.84
N SER B 202 4.67 2.34 19.86
CA SER B 202 5.61 1.26 19.97
C SER B 202 5.88 0.55 18.63
N LEU B 203 6.92 -0.29 18.60
CA LEU B 203 7.20 -1.21 17.49
C LEU B 203 7.10 -2.63 18.04
N VAL B 204 6.31 -3.47 17.38
CA VAL B 204 6.11 -4.87 17.72
C VAL B 204 6.76 -5.75 16.65
N LEU B 205 7.55 -6.73 17.07
CA LEU B 205 8.09 -7.77 16.18
C LEU B 205 7.27 -9.04 16.38
N GLN B 206 6.38 -9.34 15.43
CA GLN B 206 5.49 -10.49 15.51
C GLN B 206 6.10 -11.63 14.72
N PRO B 207 6.45 -12.76 15.37
CA PRO B 207 6.98 -13.87 14.61
C PRO B 207 5.96 -14.26 13.51
N HIS B 208 6.44 -14.49 12.30
CA HIS B 208 5.57 -14.90 11.19
C HIS B 208 5.24 -16.38 11.27
N VAL B 209 4.34 -16.75 12.17
CA VAL B 209 4.21 -18.14 12.51
C VAL B 209 3.69 -19.00 11.31
N LEU B 210 3.05 -18.38 10.33
CA LEU B 210 2.48 -19.21 9.24
C LEU B 210 3.60 -19.83 8.38
N MET B 211 4.85 -19.42 8.61
CA MET B 211 5.96 -20.07 7.87
C MET B 211 6.41 -21.37 8.53
N LEU B 212 6.00 -21.63 9.77
CA LEU B 212 6.32 -22.89 10.42
C LEU B 212 5.66 -24.06 9.67
N GLU B 213 6.32 -25.21 9.70
CA GLU B 213 5.86 -26.38 8.95
C GLU B 213 4.49 -26.87 9.41
N MET B 214 4.17 -26.63 10.67
CA MET B 214 2.86 -27.01 11.19
C MET B 214 1.74 -26.31 10.40
N PHE B 215 2.05 -25.20 9.72
CA PHE B 215 1.08 -24.47 8.88
C PHE B 215 1.39 -24.59 7.39
N SER B 216 2.69 -24.56 7.06
CA SER B 216 3.14 -24.40 5.68
C SER B 216 3.39 -25.70 4.91
N GLY B 217 3.30 -26.83 5.60
CA GLY B 217 3.57 -28.12 4.99
C GLY B 217 2.58 -28.49 3.89
N GLY B 218 2.85 -29.60 3.20
CA GLY B 218 2.01 -30.02 2.07
C GLY B 218 0.91 -30.99 2.47
N ASP B 219 1.09 -31.62 3.62
CA ASP B 219 0.12 -32.57 4.15
C ASP B 219 -1.25 -31.94 4.43
N ALA B 220 -2.25 -32.81 4.57
CA ALA B 220 -3.64 -32.40 4.78
C ALA B 220 -3.81 -31.65 6.11
N ALA B 221 -3.24 -32.21 7.18
CA ALA B 221 -3.38 -31.65 8.52
C ALA B 221 -2.88 -30.21 8.61
N ALA B 222 -1.88 -29.86 7.80
CA ALA B 222 -1.27 -28.54 7.82
C ALA B 222 -2.15 -27.59 7.06
N LEU B 223 -2.68 -28.06 5.94
CA LEU B 223 -3.65 -27.28 5.19
C LEU B 223 -4.81 -26.91 6.10
N GLU B 224 -5.22 -27.85 6.95
CA GLU B 224 -6.32 -27.60 7.87
C GLU B 224 -5.96 -26.57 8.94
N ARG B 225 -4.77 -26.68 9.51
CA ARG B 225 -4.35 -25.64 10.49
C ARG B 225 -4.29 -24.27 9.85
N ARG B 226 -3.75 -24.22 8.64
CA ARG B 226 -3.60 -22.95 7.93
C ARG B 226 -4.97 -22.29 7.60
N THR B 227 -5.90 -23.12 7.11
CA THR B 227 -7.26 -22.67 6.82
C THR B 227 -7.99 -22.12 8.06
N THR B 228 -7.98 -22.88 9.15
CA THR B 228 -8.54 -22.47 10.42
C THR B 228 -7.92 -21.15 10.90
N PHE B 229 -6.59 -21.03 10.84
CA PHE B 229 -5.91 -19.81 11.32
C PHE B 229 -6.43 -18.61 10.57
N GLU B 230 -6.64 -18.78 9.26
CA GLU B 230 -7.09 -17.69 8.42
C GLU B 230 -8.59 -17.39 8.69
N ARG B 231 -9.42 -18.42 8.71
CA ARG B 231 -10.89 -18.20 8.76
C ARG B 231 -11.36 -17.69 10.14
N TYR B 232 -10.57 -17.96 11.17
CA TYR B 232 -10.91 -17.49 12.51
C TYR B 232 -10.07 -16.22 12.86
N ARG B 233 -9.30 -15.70 11.92
CA ARG B 233 -8.60 -14.41 12.09
C ARG B 233 -7.70 -14.43 13.32
N CYS B 234 -7.00 -15.54 13.54
CA CYS B 234 -6.21 -15.74 14.78
C CYS B 234 -5.05 -14.73 14.91
N HIS B 235 -4.63 -14.12 13.81
CA HIS B 235 -3.62 -13.05 13.84
C HIS B 235 -4.05 -11.79 14.60
N GLU B 236 -5.34 -11.60 14.85
CA GLU B 236 -5.81 -10.33 15.41
C GLU B 236 -5.30 -10.10 16.84
N GLU B 237 -4.94 -11.16 17.54
CA GLU B 237 -4.34 -11.02 18.88
C GLU B 237 -3.16 -10.05 18.88
N GLY B 238 -2.35 -10.04 17.83
CA GLY B 238 -1.14 -9.23 17.85
C GLY B 238 -1.27 -7.78 17.47
N LEU B 239 -2.41 -7.38 16.90
CA LEU B 239 -2.53 -6.04 16.32
C LEU B 239 -2.46 -4.88 17.31
N MET B 240 -3.24 -4.95 18.39
CA MET B 240 -3.31 -3.86 19.37
C MET B 240 -3.16 -4.39 20.81
N PRO B 241 -2.96 -3.47 21.78
CA PRO B 241 -2.74 -3.89 23.18
C PRO B 241 -3.93 -4.63 23.81
N SER B 242 -5.13 -4.13 23.55
CA SER B 242 -6.35 -4.79 24.00
C SER B 242 -6.47 -6.21 23.50
N LYS B 243 -6.84 -7.12 24.39
CA LYS B 243 -7.00 -8.51 24.05
C LYS B 243 -8.51 -8.86 24.23
N THR B 244 -9.20 -9.11 23.14
CA THR B 244 -10.59 -9.59 23.19
C THR B 244 -10.57 -11.10 23.41
N PRO B 245 -11.64 -11.67 23.98
CA PRO B 245 -11.62 -13.11 24.28
C PRO B 245 -11.19 -13.94 23.06
N LEU B 246 -10.27 -14.89 23.25
CA LEU B 246 -9.75 -15.67 22.12
C LEU B 246 -10.70 -16.80 21.68
N SER B 247 -10.92 -16.93 20.36
CA SER B 247 -11.75 -18.03 19.84
C SER B 247 -11.20 -19.36 20.27
N GLU B 248 -12.10 -20.25 20.69
CA GLU B 248 -11.70 -21.59 21.07
C GLU B 248 -10.89 -22.29 19.97
N ALA B 249 -11.21 -22.04 18.69
CA ALA B 249 -10.46 -22.68 17.60
C ALA B 249 -9.01 -22.19 17.51
N CYS B 250 -8.76 -20.95 17.89
CA CYS B 250 -7.39 -20.36 17.87
C CYS B 250 -6.44 -20.84 18.99
N VAL B 251 -7.00 -21.17 20.16
CA VAL B 251 -6.21 -21.49 21.38
C VAL B 251 -5.15 -22.60 21.15
N PRO B 252 -5.56 -23.77 20.61
CA PRO B 252 -4.52 -24.81 20.40
C PRO B 252 -3.48 -24.48 19.30
N LEU B 253 -3.87 -23.73 18.27
CA LEU B 253 -2.95 -23.34 17.21
C LEU B 253 -1.85 -22.41 17.75
N LEU B 254 -2.24 -21.49 18.62
CA LEU B 254 -1.27 -20.55 19.20
C LEU B 254 -0.39 -21.15 20.30
N ILE B 255 -0.94 -22.06 21.11
CA ILE B 255 -0.13 -22.86 22.03
C ILE B 255 0.97 -23.65 21.27
N SER B 256 0.59 -24.29 20.16
CA SER B 256 1.56 -25.06 19.38
C SER B 256 2.60 -24.15 18.72
N ALA B 257 2.16 -23.09 18.05
CA ALA B 257 3.09 -22.18 17.35
C ALA B 257 4.06 -21.52 18.32
N SER B 258 3.53 -21.09 19.46
CA SER B 258 4.35 -20.48 20.49
C SER B 258 5.45 -21.44 21.01
N SER B 259 5.11 -22.70 21.20
CA SER B 259 6.09 -23.68 21.69
C SER B 259 7.22 -23.87 20.67
N LEU B 260 6.90 -23.84 19.39
CA LEU B 260 7.94 -23.91 18.34
C LEU B 260 8.84 -22.64 18.28
N VAL B 261 8.26 -21.47 18.51
CA VAL B 261 9.04 -20.22 18.48
C VAL B 261 9.93 -20.07 19.72
N TYR B 262 9.38 -20.33 20.90
CA TYR B 262 10.09 -20.06 22.18
C TYR B 262 10.77 -21.31 22.81
N ASN B 263 10.72 -22.45 22.14
CA ASN B 263 11.18 -23.75 22.67
C ASN B 263 10.46 -24.12 24.00
N GLY B 264 9.18 -24.45 23.91
CA GLY B 264 8.36 -24.66 25.07
C GLY B 264 7.75 -23.37 25.59
N ALA B 265 7.45 -23.33 26.89
CA ALA B 265 6.81 -22.20 27.54
C ALA B 265 7.84 -21.43 28.37
N LEU B 266 7.60 -20.15 28.60
CA LEU B 266 8.54 -19.28 29.34
C LEU B 266 8.16 -19.14 30.82
N PRO B 267 9.15 -18.96 31.72
CA PRO B 267 8.79 -18.74 33.13
C PRO B 267 8.09 -17.38 33.38
N CYS B 268 7.09 -17.32 34.27
CA CYS B 268 6.34 -16.09 34.54
C CYS B 268 7.22 -14.93 35.02
N GLN B 269 8.16 -15.24 35.90
CA GLN B 269 9.02 -14.20 36.51
C GLN B 269 8.25 -12.99 37.08
N CYS B 270 7.20 -13.27 37.85
CA CYS B 270 6.41 -12.20 38.44
C CYS B 270 7.27 -11.45 39.48
N ASP B 271 7.19 -10.12 39.52
CA ASP B 271 7.99 -9.36 40.51
C ASP B 271 7.49 -9.72 41.93
N PRO B 272 8.40 -10.11 42.85
CA PRO B 272 8.03 -10.52 44.23
C PRO B 272 7.30 -9.46 45.05
N GLN B 273 7.68 -8.20 44.87
CA GLN B 273 7.00 -7.13 45.58
C GLN B 273 5.69 -6.67 44.96
N GLY B 274 5.65 -6.64 43.62
CA GLY B 274 4.49 -6.08 42.93
C GLY B 274 3.33 -7.02 42.64
N SER B 275 3.56 -8.32 42.77
CA SER B 275 2.55 -9.33 42.41
C SER B 275 1.94 -9.98 43.63
N LEU B 276 0.67 -10.37 43.53
CA LEU B 276 -0.02 -11.12 44.57
C LEU B 276 0.29 -12.62 44.51
N SER B 277 1.00 -13.08 43.48
CA SER B 277 1.22 -14.51 43.29
C SER B 277 2.28 -14.79 42.24
N SER B 278 2.99 -15.91 42.38
CA SER B 278 3.99 -16.32 41.40
C SER B 278 3.42 -16.96 40.14
N GLU B 279 2.15 -17.37 40.16
CA GLU B 279 1.52 -18.00 39.02
C GLU B 279 0.82 -17.00 38.09
N CYS B 280 1.32 -16.80 36.87
CA CYS B 280 0.73 -15.85 35.94
C CYS B 280 -0.32 -16.51 35.04
N ASN B 281 -1.00 -15.71 34.22
CA ASN B 281 -2.00 -16.23 33.25
C ASN B 281 -1.24 -17.02 32.19
N PRO B 282 -1.57 -18.33 31.99
CA PRO B 282 -0.76 -19.10 31.01
C PRO B 282 -0.94 -18.64 29.58
N HIS B 283 -1.97 -17.86 29.31
CA HIS B 283 -2.12 -17.23 28.01
C HIS B 283 -1.64 -15.79 28.11
N GLY B 284 -0.40 -15.53 27.71
CA GLY B 284 0.10 -14.18 27.61
C GLY B 284 0.98 -13.75 28.77
N GLY B 285 0.86 -14.44 29.90
CA GLY B 285 1.75 -14.22 31.03
C GLY B 285 1.46 -13.09 32.00
N GLN B 286 0.29 -12.45 31.93
CA GLN B 286 0.00 -11.36 32.88
C GLN B 286 -0.02 -11.86 34.32
N CYS B 287 0.86 -11.29 35.15
CA CYS B 287 0.88 -11.57 36.60
C CYS B 287 -0.25 -10.79 37.33
N ARG B 288 -0.69 -11.26 38.49
CA ARG B 288 -1.79 -10.62 39.20
C ARG B 288 -1.20 -9.48 40.06
N CYS B 289 -1.49 -8.21 39.73
CA CYS B 289 -0.75 -7.09 40.36
C CYS B 289 -1.41 -6.52 41.62
N LYS B 290 -0.57 -6.05 42.56
CA LYS B 290 -1.07 -5.27 43.70
C LYS B 290 -1.63 -3.89 43.27
N PRO B 291 -2.36 -3.20 44.16
CA PRO B 291 -2.95 -1.92 43.79
C PRO B 291 -1.91 -0.90 43.29
N GLY B 292 -2.24 -0.17 42.22
CA GLY B 292 -1.37 0.86 41.65
C GLY B 292 -0.22 0.38 40.76
N VAL B 293 -0.14 -0.93 40.52
CA VAL B 293 0.99 -1.56 39.84
C VAL B 293 0.56 -2.10 38.47
N VAL B 294 1.44 -1.99 37.47
CA VAL B 294 1.18 -2.39 36.09
C VAL B 294 2.36 -3.13 35.46
N GLY B 295 2.23 -3.49 34.20
CA GLY B 295 3.23 -4.29 33.49
C GLY B 295 2.96 -5.78 33.60
N ARG B 296 3.41 -6.54 32.62
CA ARG B 296 3.17 -8.00 32.60
C ARG B 296 3.73 -8.66 33.88
N ARG B 297 4.91 -8.22 34.31
CA ARG B 297 5.55 -8.78 35.49
C ARG B 297 5.17 -8.01 36.82
N CYS B 298 4.26 -7.04 36.74
CA CYS B 298 3.89 -6.18 37.89
C CYS B 298 5.11 -5.50 38.47
N ASP B 299 5.89 -4.85 37.59
CA ASP B 299 7.21 -4.35 37.94
C ASP B 299 7.34 -2.83 37.70
N ALA B 300 6.19 -2.12 37.68
CA ALA B 300 6.16 -0.65 37.54
C ALA B 300 4.92 -0.06 38.22
N CYS B 301 5.02 1.16 38.69
CA CYS B 301 3.85 1.93 39.13
C CYS B 301 3.03 2.36 37.91
N ALA B 302 1.70 2.40 38.04
CA ALA B 302 0.87 2.99 36.99
C ALA B 302 1.27 4.45 36.81
N THR B 303 1.07 5.00 35.62
CA THR B 303 1.37 6.41 35.37
C THR B 303 0.59 7.29 36.32
N GLY B 304 1.27 8.22 37.01
CA GLY B 304 0.64 9.04 38.03
C GLY B 304 0.64 8.46 39.45
N TYR B 305 1.22 7.28 39.62
CA TYR B 305 1.35 6.69 40.97
C TYR B 305 2.85 6.52 41.36
N TYR B 306 3.12 6.39 42.64
CA TYR B 306 4.50 6.41 43.17
C TYR B 306 4.65 5.45 44.31
N GLY B 307 5.89 5.10 44.64
CA GLY B 307 6.15 4.45 45.91
C GLY B 307 6.25 2.94 45.86
N PHE B 308 6.76 2.41 44.76
CA PHE B 308 6.85 0.95 44.54
C PHE B 308 7.48 0.27 45.74
N GLY B 309 6.81 -0.76 46.23
CA GLY B 309 7.19 -1.41 47.47
C GLY B 309 6.19 -2.52 47.77
N PRO B 310 6.25 -3.06 49.00
CA PRO B 310 5.43 -4.21 49.45
C PRO B 310 3.90 -4.05 49.39
N ALA B 311 3.37 -2.83 49.40
CA ALA B 311 1.90 -2.65 49.25
C ALA B 311 1.46 -2.15 47.87
N GLY B 312 2.38 -2.13 46.91
CA GLY B 312 2.09 -1.54 45.60
C GLY B 312 2.44 -0.06 45.53
N CYS B 313 1.68 0.70 44.74
CA CYS B 313 1.88 2.13 44.53
C CYS B 313 0.65 2.98 44.91
N GLN B 314 0.89 4.25 45.26
CA GLN B 314 -0.16 5.20 45.65
C GLN B 314 -0.07 6.49 44.84
N ALA B 315 -1.23 7.10 44.56
CA ALA B 315 -1.28 8.37 43.85
C ALA B 315 -0.99 9.53 44.80
#